data_8UJW
#
_entry.id   8UJW
#
_cell.length_a   124.134
_cell.length_b   36.613
_cell.length_c   41.472
_cell.angle_alpha   90.000
_cell.angle_beta   103.270
_cell.angle_gamma   90.000
#
_symmetry.space_group_name_H-M   'C 1 2 1'
#
loop_
_entity.id
_entity.type
_entity.pdbx_description
1 polymer 'GRAM domain-containing protein'
2 water water
#
_entity_poly.entity_id   1
_entity_poly.type   'polypeptide(L)'
_entity_poly.pdbx_seq_one_letter_code
;MSINTAHTQDGLGVVLFYGERLLVTYDGCKLTLSGSGQQPNGKYSGTAYLTSHRVIFLSKDRSAALNSLSMPFVFMARVA
IKAPTFGPNHIEGFVSSEAGQWSGEMPFKLVFNHGGAIEFGKSLLELGTRASKLQNSYKTPAAPPLCEIYACPPPAYTPF
VNDPYYNSFMQPHPSFSPPPADYLYQTNSPPPYPGAVPPPYTANPGPPPPYTAAAASSMPPYPTGGPPPVNTAYYYPSDP
NTFYAPPYSQASAPPMEPEDKKNL
;
_entity_poly.pdbx_strand_id   A
#
# COMPACT_ATOMS: atom_id res chain seq x y z
N GLY A 13 1.97 -2.88 14.93
CA GLY A 13 1.00 -1.88 14.54
C GLY A 13 1.36 -1.21 13.22
N VAL A 14 0.39 -0.49 12.69
CA VAL A 14 0.53 0.26 11.44
C VAL A 14 0.39 1.73 11.78
N VAL A 15 1.37 2.56 11.38
CA VAL A 15 1.33 3.98 11.66
C VAL A 15 1.05 4.70 10.35
N LEU A 16 -0.14 5.28 10.23
CA LEU A 16 -0.52 6.07 9.06
C LEU A 16 -0.04 7.50 9.21
N PHE A 17 0.40 8.09 8.10
CA PHE A 17 0.74 9.51 8.08
C PHE A 17 -0.51 10.38 8.22
N TYR A 18 -0.30 11.62 8.66
CA TYR A 18 -1.40 12.57 8.71
C TYR A 18 -1.90 12.86 7.30
N GLY A 19 -3.19 12.65 7.07
CA GLY A 19 -3.77 12.83 5.76
C GLY A 19 -3.84 11.56 4.93
N GLU A 20 -3.33 10.45 5.46
CA GLU A 20 -3.37 9.16 4.79
C GLU A 20 -4.60 8.36 5.19
N ARG A 21 -5.24 7.71 4.23
CA ARG A 21 -6.44 6.91 4.47
C ARG A 21 -6.11 5.44 4.27
N LEU A 22 -6.53 4.58 5.20
CA LEU A 22 -6.47 3.14 4.97
C LEU A 22 -7.71 2.70 4.20
N LEU A 23 -7.50 2.02 3.06
CA LEU A 23 -8.58 1.66 2.15
C LEU A 23 -8.91 0.16 2.14
N VAL A 24 -7.90 -0.71 2.05
CA VAL A 24 -8.10 -2.15 1.99
C VAL A 24 -7.09 -2.83 2.91
N THR A 25 -7.59 -3.75 3.73
CA THR A 25 -6.77 -4.66 4.52
C THR A 25 -6.93 -6.05 3.92
N TYR A 26 -5.81 -6.72 3.66
CA TYR A 26 -5.85 -8.08 3.09
C TYR A 26 -5.00 -9.03 3.94
N ASP A 27 -5.65 -9.82 4.79
CA ASP A 27 -4.97 -10.87 5.54
C ASP A 27 -4.76 -12.08 4.63
N GLY A 28 -3.58 -12.69 4.74
CA GLY A 28 -3.27 -13.86 3.95
C GLY A 28 -2.72 -13.49 2.59
N CYS A 29 -1.72 -12.61 2.58
CA CYS A 29 -1.04 -12.15 1.38
C CYS A 29 0.37 -12.72 1.39
N LYS A 30 0.93 -12.97 0.21
CA LYS A 30 2.33 -13.37 0.10
C LYS A 30 3.07 -12.34 -0.76
N LEU A 31 4.12 -11.74 -0.19
CA LEU A 31 4.95 -10.77 -0.91
C LEU A 31 6.29 -11.41 -1.23
N THR A 32 6.69 -11.36 -2.49
CA THR A 32 8.02 -11.82 -2.90
C THR A 32 8.80 -10.64 -3.44
N LEU A 33 9.96 -10.35 -2.84
CA LEU A 33 10.90 -9.35 -3.35
C LEU A 33 11.99 -10.09 -4.12
N SER A 34 12.20 -9.72 -5.39
CA SER A 34 13.12 -10.49 -6.20
C SER A 34 14.27 -9.64 -6.71
N GLY A 35 14.87 -8.86 -5.84
CA GLY A 35 15.96 -8.01 -6.25
C GLY A 35 17.21 -8.79 -6.59
N SER A 36 18.11 -8.13 -7.30
CA SER A 36 19.44 -8.66 -7.59
C SER A 36 20.48 -7.71 -7.02
N GLY A 37 21.72 -8.17 -6.97
CA GLY A 37 22.80 -7.33 -6.46
C GLY A 37 22.56 -7.00 -5.00
N GLN A 38 22.40 -5.72 -4.69
CA GLN A 38 22.14 -5.27 -3.34
C GLN A 38 20.67 -4.99 -3.06
N GLN A 39 19.81 -5.15 -4.06
CA GLN A 39 18.37 -4.92 -3.88
C GLN A 39 17.80 -5.94 -2.91
N PRO A 40 16.66 -5.62 -2.27
CA PRO A 40 16.04 -6.58 -1.36
C PRO A 40 15.56 -7.83 -2.08
N ASN A 41 15.65 -8.96 -1.40
CA ASN A 41 15.22 -10.25 -1.96
C ASN A 41 14.75 -11.16 -0.85
N GLY A 42 13.47 -11.57 -0.89
CA GLY A 42 12.96 -12.51 0.08
C GLY A 42 11.48 -12.75 -0.12
N LYS A 43 10.96 -13.71 0.64
CA LYS A 43 9.56 -14.12 0.61
C LYS A 43 8.91 -13.86 1.96
N TYR A 44 7.73 -13.25 1.97
CA TYR A 44 7.09 -12.84 3.22
C TYR A 44 5.60 -13.14 3.17
N SER A 45 5.09 -13.66 4.27
CA SER A 45 3.66 -13.91 4.41
C SER A 45 3.09 -13.02 5.50
N GLY A 46 1.88 -12.51 5.26
CA GLY A 46 1.26 -11.63 6.22
C GLY A 46 0.08 -10.84 5.70
N THR A 47 0.01 -9.58 6.08
CA THR A 47 -1.13 -8.73 5.74
C THR A 47 -0.64 -7.59 4.88
N ALA A 48 -1.36 -7.30 3.80
CA ALA A 48 -1.11 -6.13 2.98
C ALA A 48 -2.17 -5.07 3.26
N TYR A 49 -1.73 -3.82 3.35
CA TYR A 49 -2.61 -2.68 3.54
C TYR A 49 -2.48 -1.77 2.33
N LEU A 50 -3.62 -1.48 1.69
CA LEU A 50 -3.69 -0.53 0.58
C LEU A 50 -4.18 0.79 1.14
N THR A 51 -3.34 1.83 1.08
CA THR A 51 -3.73 3.15 1.54
C THR A 51 -3.81 4.11 0.36
N SER A 52 -4.16 5.36 0.67
CA SER A 52 -4.19 6.41 -0.35
C SER A 52 -2.81 6.69 -0.92
N HIS A 53 -1.76 6.22 -0.26
CA HIS A 53 -0.40 6.66 -0.57
C HIS A 53 0.56 5.52 -0.86
N ARG A 54 0.30 4.31 -0.40
CA ARG A 54 1.30 3.25 -0.47
C ARG A 54 0.65 1.90 -0.23
N VAL A 55 1.40 0.84 -0.53
CA VAL A 55 1.14 -0.48 0.02
C VAL A 55 2.03 -0.68 1.24
N ILE A 56 1.44 -1.08 2.36
CA ILE A 56 2.17 -1.48 3.57
C ILE A 56 2.05 -2.97 3.70
N PHE A 57 3.17 -3.64 4.02
CA PHE A 57 3.13 -5.08 4.21
C PHE A 57 3.71 -5.41 5.58
N LEU A 58 2.94 -6.16 6.37
CA LEU A 58 3.37 -6.56 7.70
C LEU A 58 3.56 -8.07 7.70
N SER A 59 4.79 -8.51 7.97
CA SER A 59 5.09 -9.92 8.00
C SER A 59 4.48 -10.53 9.24
N LYS A 60 3.76 -11.65 9.08
CA LYS A 60 2.99 -12.21 10.18
C LYS A 60 3.86 -13.03 11.12
N ASP A 61 4.94 -13.56 10.58
CA ASP A 61 5.89 -14.33 11.42
C ASP A 61 6.81 -13.37 12.17
N ALA A 64 11.85 -13.56 11.19
CA ALA A 64 11.37 -12.54 10.23
C ALA A 64 12.46 -11.50 9.98
N ALA A 65 13.16 -11.58 8.85
CA ALA A 65 14.26 -10.63 8.70
C ALA A 65 13.75 -9.20 8.62
N LEU A 66 12.48 -9.04 8.30
CA LEU A 66 11.86 -7.71 8.11
C LEU A 66 10.45 -7.75 8.71
N ASN A 67 10.12 -6.81 9.59
CA ASN A 67 8.80 -6.81 10.20
C ASN A 67 7.77 -6.04 9.40
N SER A 68 8.17 -4.96 8.71
CA SER A 68 7.24 -4.10 8.02
C SER A 68 7.94 -3.52 6.80
N LEU A 69 7.18 -3.30 5.73
CA LEU A 69 7.78 -2.56 4.64
C LEU A 69 6.70 -1.72 3.99
N SER A 70 7.12 -0.61 3.40
CA SER A 70 6.21 0.31 2.74
C SER A 70 6.70 0.57 1.33
N MET A 71 5.78 0.50 0.37
CA MET A 71 6.04 0.74 -1.05
C MET A 71 5.20 1.93 -1.48
N PRO A 72 5.73 3.14 -1.48
CA PRO A 72 4.95 4.31 -1.91
C PRO A 72 4.60 4.22 -3.40
N PHE A 73 3.36 4.62 -3.75
CA PHE A 73 2.94 4.52 -5.15
C PHE A 73 3.91 5.25 -6.06
N VAL A 74 4.42 6.40 -5.64
CA VAL A 74 5.22 7.20 -6.55
C VAL A 74 6.54 6.51 -6.91
N PHE A 75 6.99 5.52 -6.15
CA PHE A 75 8.20 4.77 -6.51
C PHE A 75 7.91 3.41 -7.15
N MET A 76 6.65 3.07 -7.38
CA MET A 76 6.30 1.85 -8.09
C MET A 76 6.34 2.09 -9.59
N ALA A 77 6.73 1.04 -10.29
CA ALA A 77 6.78 1.12 -11.76
C ALA A 77 6.26 -0.16 -12.40
N ARG A 78 5.62 -0.03 -13.55
CA ARG A 78 5.22 -1.19 -14.36
C ARG A 78 4.38 -2.16 -13.55
N VAL A 79 3.46 -1.61 -12.77
CA VAL A 79 2.55 -2.43 -11.96
C VAL A 79 1.47 -3.01 -12.86
N ALA A 80 1.22 -4.30 -12.72
CA ALA A 80 0.26 -4.97 -13.58
C ALA A 80 -0.39 -6.16 -12.86
N ILE A 81 -1.66 -6.39 -13.17
CA ILE A 81 -2.32 -7.62 -12.79
C ILE A 81 -1.93 -8.70 -13.80
N LYS A 82 -1.26 -9.73 -13.33
CA LYS A 82 -0.72 -10.77 -14.20
C LYS A 82 -1.57 -12.02 -14.07
N ALA A 83 -1.70 -12.75 -15.16
CA ALA A 83 -2.32 -14.07 -15.12
C ALA A 83 -1.53 -15.02 -16.00
N PRO A 84 -0.69 -15.88 -15.41
CA PRO A 84 -0.04 -16.93 -16.19
C PRO A 84 -1.09 -17.82 -16.83
N THR A 85 -0.70 -18.45 -17.95
CA THR A 85 -1.63 -19.19 -18.79
C THR A 85 -2.44 -20.23 -18.02
N PHE A 86 -1.97 -20.69 -16.86
CA PHE A 86 -2.68 -21.76 -16.19
C PHE A 86 -3.00 -21.42 -14.73
N GLY A 87 -2.19 -20.55 -14.11
CA GLY A 87 -2.32 -20.24 -12.70
C GLY A 87 -3.08 -18.98 -12.37
N PRO A 88 -3.15 -18.64 -11.08
CA PRO A 88 -4.05 -17.58 -10.62
C PRO A 88 -3.53 -16.17 -10.89
N ASN A 89 -4.48 -15.22 -10.84
CA ASN A 89 -4.11 -13.81 -10.93
C ASN A 89 -3.22 -13.40 -9.76
N HIS A 90 -2.22 -12.56 -10.03
CA HIS A 90 -1.46 -11.90 -8.98
C HIS A 90 -1.05 -10.53 -9.46
N ILE A 91 -0.33 -9.80 -8.62
CA ILE A 91 0.12 -8.45 -8.94
C ILE A 91 1.64 -8.47 -9.00
N GLU A 92 2.20 -7.83 -10.04
CA GLU A 92 3.64 -7.69 -10.19
C GLU A 92 4.00 -6.24 -10.44
N GLY A 93 5.24 -5.88 -10.13
CA GLY A 93 5.71 -4.55 -10.46
C GLY A 93 7.13 -4.40 -10.00
N PHE A 94 7.58 -3.15 -9.95
CA PHE A 94 8.94 -2.83 -9.55
C PHE A 94 8.93 -1.63 -8.62
N VAL A 95 9.97 -1.52 -7.80
CA VAL A 95 10.21 -0.33 -6.99
C VAL A 95 11.56 0.23 -7.44
N SER A 96 11.61 1.55 -7.66
CA SER A 96 12.67 2.16 -8.47
C SER A 96 13.71 2.88 -7.61
N SER A 97 14.92 2.33 -7.58
CA SER A 97 16.14 2.89 -6.95
C SER A 97 16.02 3.25 -5.48
N GLN A 101 21.42 2.50 -0.24
CA GLN A 101 21.53 1.06 0.00
C GLN A 101 21.55 0.29 -1.31
N TRP A 102 20.56 0.56 -2.17
CA TRP A 102 20.49 -0.08 -3.47
C TRP A 102 19.95 0.92 -4.48
N SER A 103 20.05 0.55 -5.75
CA SER A 103 19.52 1.36 -6.83
C SER A 103 19.10 0.44 -7.98
N GLY A 104 18.40 1.02 -8.95
CA GLY A 104 17.86 0.21 -10.03
C GLY A 104 16.40 -0.15 -9.80
N GLU A 105 15.98 -1.31 -10.32
CA GLU A 105 14.58 -1.68 -10.38
C GLU A 105 14.40 -3.02 -9.67
N MET A 106 13.77 -3.00 -8.49
CA MET A 106 13.57 -4.23 -7.72
C MET A 106 12.19 -4.81 -8.03
N PRO A 107 12.09 -6.02 -8.57
CA PRO A 107 10.77 -6.62 -8.81
C PRO A 107 10.09 -7.01 -7.51
N PHE A 108 8.76 -6.94 -7.49
CA PHE A 108 7.94 -7.48 -6.42
C PHE A 108 6.75 -8.20 -7.02
N LYS A 109 6.18 -9.10 -6.22
CA LYS A 109 5.01 -9.88 -6.59
C LYS A 109 4.13 -10.01 -5.35
N LEU A 110 2.83 -9.72 -5.49
CA LEU A 110 1.88 -9.91 -4.41
C LEU A 110 0.90 -10.99 -4.85
N VAL A 111 0.79 -12.04 -4.04
CA VAL A 111 -0.14 -13.15 -4.28
C VAL A 111 -1.19 -13.15 -3.17
N PHE A 112 -2.43 -13.41 -3.54
CA PHE A 112 -3.54 -13.34 -2.61
C PHE A 112 -4.08 -14.75 -2.36
N ASN A 113 -4.13 -15.15 -1.08
CA ASN A 113 -4.53 -16.51 -0.75
C ASN A 113 -6.02 -16.76 -0.92
N HIS A 114 -6.86 -15.72 -0.91
CA HIS A 114 -8.31 -15.92 -0.89
C HIS A 114 -9.02 -15.16 -2.00
N GLY A 115 -8.37 -14.95 -3.14
CA GLY A 115 -8.98 -14.24 -4.23
C GLY A 115 -9.04 -12.74 -4.00
N GLY A 116 -9.62 -12.04 -4.97
CA GLY A 116 -9.69 -10.59 -4.91
C GLY A 116 -8.47 -9.89 -5.44
N ALA A 117 -7.59 -10.58 -6.17
CA ALA A 117 -6.41 -9.95 -6.73
C ALA A 117 -6.78 -8.93 -7.78
N ILE A 118 -7.78 -9.23 -8.61
CA ILE A 118 -8.18 -8.26 -9.64
C ILE A 118 -8.74 -7.00 -8.98
N GLU A 119 -9.60 -7.18 -7.98
CA GLU A 119 -10.22 -6.01 -7.34
C GLU A 119 -9.17 -5.18 -6.60
N PHE A 120 -8.25 -5.85 -5.90
CA PHE A 120 -7.17 -5.14 -5.21
C PHE A 120 -6.27 -4.43 -6.22
N GLY A 121 -5.93 -5.12 -7.31
CA GLY A 121 -5.02 -4.55 -8.29
C GLY A 121 -5.62 -3.40 -9.08
N LYS A 122 -6.90 -3.53 -9.46
CA LYS A 122 -7.54 -2.42 -10.16
C LYS A 122 -7.54 -1.18 -9.31
N SER A 123 -7.82 -1.34 -8.03
CA SER A 123 -7.77 -0.20 -7.11
C SER A 123 -6.38 0.39 -7.03
N LEU A 124 -5.37 -0.50 -6.88
CA LEU A 124 -3.98 -0.04 -6.81
C LEU A 124 -3.59 0.72 -8.07
N LEU A 125 -4.00 0.25 -9.24
CA LEU A 125 -3.62 0.95 -10.45
C LEU A 125 -4.23 2.34 -10.49
N GLU A 126 -5.49 2.47 -10.06
CA GLU A 126 -6.12 3.78 -10.13
C GLU A 126 -5.51 4.71 -9.08
N LEU A 127 -5.31 4.20 -7.86
CA LEU A 127 -4.66 5.03 -6.84
C LEU A 127 -3.27 5.46 -7.25
N GLY A 128 -2.47 4.52 -7.77
CA GLY A 128 -1.09 4.82 -8.12
C GLY A 128 -0.98 5.79 -9.29
N THR A 129 -1.85 5.64 -10.29
CA THR A 129 -1.88 6.59 -11.39
C THR A 129 -2.15 8.00 -10.88
N ARG A 130 -3.12 8.14 -9.98
CA ARG A 130 -3.48 9.46 -9.46
C ARG A 130 -2.34 10.04 -8.65
N ALA A 131 -1.75 9.23 -7.77
CA ALA A 131 -0.67 9.74 -6.94
C ALA A 131 0.56 10.09 -7.78
N SER A 132 0.87 9.28 -8.79
CA SER A 132 2.11 9.50 -9.54
C SER A 132 2.08 10.79 -10.34
N LYS A 133 0.88 11.24 -10.74
CA LYS A 133 0.77 12.50 -11.48
C LYS A 133 1.11 13.70 -10.63
N LEU A 134 1.14 13.55 -9.30
CA LEU A 134 1.49 14.63 -8.41
C LEU A 134 2.94 14.58 -7.97
N GLN A 135 3.75 13.66 -8.51
CA GLN A 135 5.09 13.48 -7.96
C GLN A 135 5.93 14.74 -8.08
N ASN A 136 5.86 15.42 -9.23
CA ASN A 136 6.72 16.59 -9.43
C ASN A 136 6.25 17.81 -8.66
N SER A 137 4.95 17.94 -8.40
CA SER A 137 4.41 19.13 -7.77
C SER A 137 4.27 18.99 -6.26
N TYR A 138 4.37 17.78 -5.72
CA TYR A 138 4.12 17.60 -4.30
C TYR A 138 5.28 18.14 -3.48
N LYS A 139 4.93 18.95 -2.49
CA LYS A 139 5.92 19.40 -1.50
C LYS A 139 5.36 19.00 -0.12
N THR A 140 6.15 18.24 0.63
CA THR A 140 5.67 17.78 1.93
C THR A 140 5.26 18.96 2.80
N PRO A 141 4.06 18.94 3.40
CA PRO A 141 3.63 20.06 4.24
C PRO A 141 4.55 20.26 5.43
N ALA A 142 4.48 21.45 6.01
CA ALA A 142 5.23 21.74 7.23
C ALA A 142 4.76 20.80 8.32
N ALA A 143 5.72 20.17 9.01
CA ALA A 143 5.44 19.18 10.03
C ALA A 143 5.70 19.75 11.43
N PRO A 144 4.96 19.32 12.43
CA PRO A 144 5.25 19.75 13.79
C PRO A 144 6.60 19.20 14.23
N PRO A 145 7.44 20.03 14.84
CA PRO A 145 8.76 19.55 15.27
C PRO A 145 8.69 18.49 16.33
N LEU A 146 7.63 18.51 17.15
CA LEU A 146 7.35 17.46 18.11
C LEU A 146 6.54 16.38 17.39
N CYS A 147 7.18 15.26 17.08
CA CYS A 147 6.54 14.18 16.34
C CYS A 147 5.77 13.27 17.30
N GLU A 148 4.50 13.04 17.00
CA GLU A 148 3.60 12.32 17.90
C GLU A 148 3.06 11.11 17.18
N ILE A 149 2.90 10.01 17.92
CA ILE A 149 2.19 8.83 17.46
C ILE A 149 1.08 8.55 18.45
N TYR A 150 -0.14 8.33 17.96
CA TYR A 150 -1.30 8.21 18.83
C TYR A 150 -2.29 7.26 18.16
N ALA A 151 -3.30 6.84 18.89
CA ALA A 151 -4.32 5.95 18.32
C ALA A 151 -4.94 6.59 17.09
N CYS A 152 -5.09 5.80 16.01
CA CYS A 152 -5.52 6.37 14.75
C CYS A 152 -6.97 6.85 14.85
N PRO A 153 -7.26 8.09 14.47
CA PRO A 153 -8.67 8.53 14.39
C PRO A 153 -9.47 7.60 13.52
N PRO A 154 -10.63 7.11 13.99
CA PRO A 154 -11.44 6.19 13.17
C PRO A 154 -11.74 6.72 11.77
N PRO A 155 -11.96 8.04 11.58
CA PRO A 155 -12.19 8.51 10.20
C PRO A 155 -11.14 8.10 9.19
N ALA A 156 -9.90 7.89 9.62
CA ALA A 156 -8.82 7.56 8.69
C ALA A 156 -8.94 6.16 8.14
N TYR A 157 -9.79 5.31 8.71
CA TYR A 157 -9.93 3.95 8.19
C TYR A 157 -11.38 3.52 8.04
N THR A 158 -12.26 4.51 7.86
CA THR A 158 -13.68 4.20 7.63
C THR A 158 -13.81 3.40 6.33
N PRO A 159 -14.80 2.51 6.21
CA PRO A 159 -14.94 1.74 4.97
C PRO A 159 -14.97 2.66 3.76
N PHE A 160 -14.18 2.33 2.74
CA PHE A 160 -14.03 3.25 1.62
C PHE A 160 -15.34 3.45 0.85
N VAL A 161 -16.29 2.54 0.96
CA VAL A 161 -17.57 2.75 0.29
C VAL A 161 -18.31 3.97 0.84
N ASN A 162 -17.99 4.41 2.06
CA ASN A 162 -18.62 5.60 2.61
C ASN A 162 -18.07 6.90 2.02
N ASP A 163 -16.98 6.84 1.27
CA ASP A 163 -16.33 8.05 0.77
C ASP A 163 -16.48 8.10 -0.74
N PRO A 164 -17.31 9.01 -1.28
CA PRO A 164 -17.55 9.02 -2.74
C PRO A 164 -16.29 9.13 -3.58
N TYR A 165 -15.26 9.81 -3.08
CA TYR A 165 -14.01 9.91 -3.83
C TYR A 165 -13.43 8.53 -4.14
N TYR A 166 -13.38 7.66 -3.12
CA TYR A 166 -12.85 6.31 -3.33
C TYR A 166 -13.89 5.35 -3.88
N ASN A 167 -15.15 5.52 -3.48
CA ASN A 167 -16.18 4.58 -3.92
C ASN A 167 -16.44 4.69 -5.41
N SER A 168 -16.05 5.79 -6.04
CA SER A 168 -16.31 5.95 -7.46
C SER A 168 -15.40 5.10 -8.32
N PHE A 169 -14.25 4.65 -7.80
CA PHE A 169 -13.32 3.85 -8.60
C PHE A 169 -12.78 2.60 -7.92
N MET A 170 -13.13 2.32 -6.67
CA MET A 170 -12.74 1.05 -6.07
C MET A 170 -13.94 0.15 -5.85
N GLN A 171 -13.72 -1.15 -6.07
CA GLN A 171 -14.71 -2.19 -5.94
C GLN A 171 -14.44 -3.01 -4.69
N PRO A 172 -15.46 -3.34 -3.91
CA PRO A 172 -15.25 -4.19 -2.74
C PRO A 172 -14.99 -5.62 -3.16
N HIS A 173 -14.62 -6.43 -2.17
CA HIS A 173 -14.48 -7.86 -2.40
C HIS A 173 -14.64 -8.56 -1.07
N PRO A 174 -15.27 -9.73 -1.03
CA PRO A 174 -15.48 -10.39 0.27
C PRO A 174 -14.21 -10.83 0.95
N SER A 175 -13.10 -10.95 0.23
CA SER A 175 -11.85 -11.38 0.85
C SER A 175 -11.16 -10.24 1.57
N PHE A 176 -11.57 -9.01 1.34
CA PHE A 176 -10.99 -7.89 2.08
C PHE A 176 -11.40 -7.99 3.55
N SER A 177 -10.47 -7.64 4.43
CA SER A 177 -10.54 -8.00 5.83
C SER A 177 -10.84 -6.78 6.68
N PRO A 178 -11.28 -6.96 7.93
CA PRO A 178 -11.56 -5.80 8.78
C PRO A 178 -10.28 -5.04 9.07
N PRO A 179 -10.31 -3.72 9.04
CA PRO A 179 -9.14 -2.93 9.45
C PRO A 179 -8.81 -3.22 10.91
N PRO A 180 -7.55 -3.42 11.23
CA PRO A 180 -7.19 -3.77 12.62
C PRO A 180 -7.14 -2.54 13.51
N ALA A 181 -8.34 -2.06 13.86
CA ALA A 181 -8.51 -0.80 14.60
C ALA A 181 -7.56 -0.71 15.80
N ASP A 182 -7.46 -1.78 16.58
CA ASP A 182 -6.62 -1.75 17.78
C ASP A 182 -5.13 -1.74 17.48
N TYR A 183 -4.73 -1.89 16.22
CA TYR A 183 -3.33 -1.84 15.82
C TYR A 183 -3.02 -0.65 14.92
N LEU A 184 -3.98 0.26 14.73
CA LEU A 184 -3.79 1.39 13.84
C LEU A 184 -3.44 2.63 14.64
N TYR A 185 -2.36 3.28 14.24
CA TYR A 185 -1.90 4.51 14.84
C TYR A 185 -1.84 5.57 13.77
N GLN A 186 -1.78 6.83 14.20
CA GLN A 186 -1.54 7.94 13.29
C GLN A 186 -0.38 8.77 13.83
N THR A 187 0.44 9.31 12.93
CA THR A 187 1.44 10.30 13.31
C THR A 187 1.02 11.69 12.82
N ASN A 188 1.46 12.74 13.53
CA ASN A 188 1.19 14.07 13.00
C ASN A 188 2.11 14.43 11.85
N SER A 189 3.05 13.57 11.48
CA SER A 189 3.91 13.87 10.34
C SER A 189 3.15 13.62 9.05
N PRO A 190 3.19 14.56 8.11
CA PRO A 190 2.59 14.33 6.80
C PRO A 190 3.39 13.31 6.02
N PRO A 191 2.80 12.69 5.00
CA PRO A 191 3.56 11.75 4.18
C PRO A 191 4.58 12.49 3.33
N PRO A 192 5.75 11.90 3.10
CA PRO A 192 6.76 12.55 2.25
C PRO A 192 6.54 12.37 0.76
N TYR A 193 5.41 11.84 0.35
CA TYR A 193 5.05 11.66 -1.05
C TYR A 193 3.56 11.90 -1.20
N PRO A 194 3.09 12.20 -2.41
CA PRO A 194 1.66 12.42 -2.60
C PRO A 194 0.89 11.11 -2.64
N GLY A 195 -0.41 11.24 -2.47
CA GLY A 195 -1.33 10.12 -2.60
C GLY A 195 -2.52 10.46 -3.49
N ALA A 196 -3.46 9.53 -3.59
CA ALA A 196 -4.73 9.74 -4.27
C ALA A 196 -5.73 10.21 -3.24
N VAL A 197 -5.96 11.52 -3.21
CA VAL A 197 -6.86 12.18 -2.27
C VAL A 197 -7.64 13.23 -3.04
N PRO A 198 -8.75 13.73 -2.46
CA PRO A 198 -9.50 14.80 -3.13
C PRO A 198 -8.64 16.02 -3.40
N PRO A 199 -8.44 16.80 -4.39
CA PRO A 199 -7.77 18.06 -4.67
C PRO A 199 -8.41 19.19 -3.84
#